data_8HWJ
#
_entry.id   8HWJ
#
_cell.length_a   157.171
_cell.length_b   52.713
_cell.length_c   88.932
_cell.angle_alpha   90.000
_cell.angle_beta   114.883
_cell.angle_gamma   90.000
#
_symmetry.space_group_name_H-M   'C 1 2 1'
#
loop_
_entity.id
_entity.type
_entity.pdbx_description
1 polymer 'CD-NTase-associated protein 12'
2 non-polymer "(2R,3R,3aS,5R,7aR,9R,10R,10aS,12R,14aR)-2,9-bis(6-amino-9H-purin-9-yl)octahydro-2H,7H-difuro[3,2-d:3',2'-j][1,3,7,9,2,8 ]tetraoxadiphosphacyclododecine-3,5,10,12-tetrol 5,12-dioxide"
3 water water
#
_entity_poly.entity_id   1
_entity_poly.type   'polypeptide(L)'
_entity_poly.pdbx_seq_one_letter_code
;ISLGELGLLPSTVLAIGYYENFVSTVCDALHSLPTIKLNGIEYKDFVFNIIIPNDLDADIKRRAQIYFKKMDIHEVKIDT
NGRSFPLYLQIDEENSGDVAVLYDMPTTLGGIDKAIEMYMKKGHIGKTSQQQLLEERELRNFKTTLINLINNNSFTKTFV
KVIEE
;
_entity_poly.pdbx_strand_id   A,B,C,D
#
# COMPACT_ATOMS: atom_id res chain seq x y z
N GLY A 4 2.09 26.23 30.83
CA GLY A 4 2.60 25.23 29.88
C GLY A 4 2.36 25.60 28.43
N GLU A 5 3.28 25.25 27.54
CA GLU A 5 3.13 25.53 26.08
C GLU A 5 1.90 24.75 25.64
N LEU A 6 1.15 25.27 24.66
CA LEU A 6 -0.14 24.60 24.36
C LEU A 6 0.14 23.12 24.08
N GLY A 7 -0.47 22.25 24.87
CA GLY A 7 -0.33 20.80 24.64
C GLY A 7 -1.45 20.34 23.74
N LEU A 8 -1.62 21.03 22.62
CA LEU A 8 -2.65 20.64 21.64
C LEU A 8 -2.07 19.45 20.88
N LEU A 9 -2.65 18.28 21.09
CA LEU A 9 -2.17 17.05 20.41
C LEU A 9 -2.43 17.15 18.92
N PRO A 10 -1.67 16.40 18.10
CA PRO A 10 -1.95 16.29 16.68
C PRO A 10 -3.38 15.77 16.45
N SER A 11 -3.74 14.69 17.15
CA SER A 11 -5.03 13.98 17.02
C SER A 11 -6.18 14.98 17.21
N THR A 12 -5.99 15.99 18.04
CA THR A 12 -6.99 17.06 18.25
C THR A 12 -7.18 17.85 16.95
N VAL A 13 -6.08 18.29 16.33
CA VAL A 13 -6.10 19.14 15.11
C VAL A 13 -6.65 18.33 13.93
N LEU A 14 -6.23 17.07 13.79
CA LEU A 14 -6.69 16.13 12.73
C LEU A 14 -8.20 15.87 12.85
N ALA A 15 -8.72 15.73 14.08
CA ALA A 15 -10.16 15.48 14.35
C ALA A 15 -10.97 16.71 14.00
N ILE A 16 -10.49 17.89 14.34
CA ILE A 16 -11.12 19.18 13.94
C ILE A 16 -11.14 19.24 12.40
N GLY A 17 -10.00 19.11 11.75
CA GLY A 17 -9.88 19.14 10.27
C GLY A 17 -10.84 18.16 9.59
N TYR A 18 -10.96 16.93 10.10
CA TYR A 18 -11.85 15.88 9.55
C TYR A 18 -13.30 16.34 9.68
N TYR A 19 -13.65 16.91 10.84
CA TYR A 19 -15.01 17.40 11.16
C TYR A 19 -15.34 18.57 10.24
N GLU A 20 -14.53 19.63 10.31
CA GLU A 20 -14.71 20.90 9.57
C GLU A 20 -14.80 20.62 8.07
N ASN A 21 -13.86 19.84 7.53
CA ASN A 21 -13.61 19.79 6.07
C ASN A 21 -14.18 18.52 5.43
N PHE A 22 -14.79 17.60 6.20
CA PHE A 22 -15.33 16.35 5.61
C PHE A 22 -16.68 16.01 6.23
N VAL A 23 -16.79 15.82 7.56
CA VAL A 23 -18.04 15.31 8.19
C VAL A 23 -19.16 16.32 7.94
N SER A 24 -18.89 17.61 8.07
CA SER A 24 -19.95 18.66 7.98
C SER A 24 -20.15 19.06 6.52
N THR A 25 -19.14 18.85 5.67
CA THR A 25 -19.26 18.98 4.20
C THR A 25 -20.25 17.93 3.66
N VAL A 26 -20.21 16.70 4.18
CA VAL A 26 -21.08 15.57 3.77
C VAL A 26 -22.50 15.81 4.29
N CYS A 27 -22.67 16.01 5.59
CA CYS A 27 -23.99 16.34 6.19
C CYS A 27 -24.63 17.51 5.45
N ASP A 28 -23.90 18.59 5.20
CA ASP A 28 -24.43 19.80 4.52
C ASP A 28 -24.93 19.43 3.12
N ALA A 29 -24.30 18.48 2.45
CA ALA A 29 -24.69 18.05 1.08
C ALA A 29 -26.02 17.28 1.15
N LEU A 30 -26.18 16.42 2.16
CA LEU A 30 -27.37 15.56 2.35
C LEU A 30 -28.52 16.37 2.94
N HIS A 31 -28.25 17.30 3.86
CA HIS A 31 -29.27 18.20 4.46
C HIS A 31 -29.85 19.11 3.37
N SER A 32 -29.09 19.39 2.30
CA SER A 32 -29.44 20.33 1.20
C SER A 32 -30.38 19.69 0.18
N LEU A 33 -30.36 18.36 0.06
CA LEU A 33 -31.10 17.62 -0.98
C LEU A 33 -32.56 17.60 -0.61
N PRO A 34 -33.44 18.22 -1.45
CA PRO A 34 -34.88 18.14 -1.25
C PRO A 34 -35.24 16.68 -0.95
N THR A 35 -34.78 15.75 -1.80
CA THR A 35 -34.82 14.30 -1.49
C THR A 35 -33.43 13.68 -1.75
N ILE A 36 -32.95 12.93 -0.77
CA ILE A 36 -31.65 12.23 -0.81
C ILE A 36 -31.76 11.08 -1.80
N LYS A 37 -30.91 11.08 -2.81
CA LYS A 37 -30.92 10.08 -3.90
C LYS A 37 -29.48 9.59 -4.10
N LEU A 38 -29.18 8.34 -3.76
CA LEU A 38 -27.81 7.79 -3.82
C LEU A 38 -27.81 6.54 -4.69
N ASN A 39 -26.89 6.43 -5.65
CA ASN A 39 -26.89 5.35 -6.66
C ASN A 39 -28.33 5.12 -7.16
N GLY A 40 -29.11 6.19 -7.33
CA GLY A 40 -30.47 6.15 -7.95
C GLY A 40 -31.59 5.86 -6.97
N ILE A 41 -31.29 5.71 -5.69
CA ILE A 41 -32.25 5.29 -4.62
C ILE A 41 -32.65 6.52 -3.81
N GLU A 42 -33.93 6.67 -3.52
CA GLU A 42 -34.43 7.74 -2.61
C GLU A 42 -34.37 7.20 -1.19
N TYR A 43 -33.85 8.01 -0.26
CA TYR A 43 -33.84 7.76 1.19
C TYR A 43 -34.60 8.91 1.87
N LYS A 44 -35.27 8.62 2.99
CA LYS A 44 -36.07 9.63 3.75
C LYS A 44 -35.15 10.39 4.72
N ASP A 45 -34.06 9.76 5.19
CA ASP A 45 -33.01 10.40 6.03
C ASP A 45 -31.69 9.63 5.86
N PHE A 46 -30.62 10.05 6.57
CA PHE A 46 -29.31 9.35 6.64
C PHE A 46 -28.78 9.26 8.07
N VAL A 47 -27.86 8.32 8.26
CA VAL A 47 -26.95 8.27 9.43
C VAL A 47 -25.56 8.04 8.85
N PHE A 48 -24.55 8.76 9.36
CA PHE A 48 -23.16 8.76 8.85
C PHE A 48 -22.26 8.19 9.95
N ASN A 49 -21.71 7.00 9.71
CA ASN A 49 -20.95 6.20 10.69
C ASN A 49 -19.47 6.37 10.42
N ILE A 50 -18.71 6.86 11.40
CA ILE A 50 -17.23 7.01 11.32
C ILE A 50 -16.58 5.79 11.97
N ILE A 51 -16.02 4.88 11.19
CA ILE A 51 -15.30 3.69 11.73
C ILE A 51 -13.96 4.17 12.28
N ILE A 52 -13.74 4.03 13.58
CA ILE A 52 -12.41 4.31 14.20
C ILE A 52 -11.69 2.98 14.40
N PRO A 53 -10.49 2.82 13.80
CA PRO A 53 -9.72 1.58 13.92
C PRO A 53 -9.22 1.32 15.36
N ASN A 54 -9.19 0.05 15.76
CA ASN A 54 -8.75 -0.39 17.11
C ASN A 54 -7.26 -0.08 17.32
N ASP A 55 -6.48 0.02 16.25
CA ASP A 55 -5.03 0.36 16.30
C ASP A 55 -4.58 0.88 14.94
N LEU A 56 -3.29 1.19 14.79
CA LEU A 56 -2.68 1.59 13.50
C LEU A 56 -1.74 0.50 12.98
N ASP A 57 -1.99 -0.76 13.32
CA ASP A 57 -1.13 -1.87 12.87
C ASP A 57 -1.16 -1.93 11.34
N ALA A 58 -2.36 -2.15 10.77
CA ALA A 58 -2.64 -2.11 9.32
C ALA A 58 -2.80 -0.65 8.84
N ASP A 59 -2.26 -0.34 7.67
CA ASP A 59 -2.50 0.93 6.93
C ASP A 59 -4.03 1.15 6.78
N ILE A 60 -4.50 2.41 6.83
CA ILE A 60 -5.95 2.77 6.98
C ILE A 60 -6.71 2.36 5.72
N LYS A 61 -6.17 2.66 4.55
CA LYS A 61 -6.83 2.37 3.26
C LYS A 61 -6.95 0.84 3.04
N ARG A 62 -5.93 0.05 3.43
CA ARG A 62 -5.96 -1.44 3.40
C ARG A 62 -7.07 -1.93 4.32
N ARG A 63 -7.02 -1.47 5.56
CA ARG A 63 -8.04 -1.69 6.62
C ARG A 63 -9.47 -1.45 6.12
N ALA A 64 -9.69 -0.24 5.58
CA ALA A 64 -11.02 0.26 5.20
C ALA A 64 -11.62 -0.68 4.14
N GLN A 65 -10.84 -0.96 3.09
CA GLN A 65 -11.12 -1.98 2.06
C GLN A 65 -11.63 -3.25 2.73
N ILE A 66 -10.93 -3.74 3.77
CA ILE A 66 -11.28 -5.00 4.47
C ILE A 66 -12.63 -4.82 5.15
N TYR A 67 -12.85 -3.73 5.88
CA TYR A 67 -14.14 -3.44 6.56
C TYR A 67 -15.28 -3.36 5.54
N PHE A 68 -15.11 -2.59 4.46
CA PHE A 68 -16.17 -2.40 3.43
C PHE A 68 -16.52 -3.75 2.83
N LYS A 69 -15.52 -4.61 2.61
CA LYS A 69 -15.71 -5.89 1.86
C LYS A 69 -16.40 -6.89 2.79
N LYS A 70 -16.03 -6.88 4.09
CA LYS A 70 -16.58 -7.81 5.11
C LYS A 70 -18.00 -7.37 5.47
N MET A 71 -18.33 -6.08 5.38
CA MET A 71 -19.70 -5.57 5.68
C MET A 71 -20.60 -5.64 4.43
N ASP A 72 -20.04 -5.98 3.27
CA ASP A 72 -20.69 -5.83 1.94
C ASP A 72 -21.27 -4.41 1.78
N ILE A 73 -20.45 -3.37 2.01
CA ILE A 73 -20.78 -1.94 1.79
C ILE A 73 -20.24 -1.54 0.41
N HIS A 74 -20.87 -0.58 -0.25
CA HIS A 74 -20.58 -0.18 -1.67
C HIS A 74 -20.26 1.31 -1.77
N GLU A 75 -19.50 1.65 -2.81
CA GLU A 75 -19.13 3.04 -3.20
C GLU A 75 -20.39 3.84 -3.58
N VAL A 76 -20.37 5.14 -3.30
CA VAL A 76 -21.48 6.08 -3.59
C VAL A 76 -20.90 7.49 -3.72
N LYS A 77 -21.41 8.27 -4.69
CA LYS A 77 -20.93 9.65 -4.95
C LYS A 77 -21.95 10.66 -4.41
N ILE A 78 -21.49 11.65 -3.63
CA ILE A 78 -22.38 12.67 -3.03
C ILE A 78 -21.92 14.07 -3.40
N ASP A 79 -22.73 15.10 -3.12
CA ASP A 79 -22.47 16.53 -3.45
C ASP A 79 -22.78 16.68 -4.94
N THR A 80 -23.10 15.56 -5.59
CA THR A 80 -23.50 15.58 -7.01
C THR A 80 -22.47 16.37 -7.80
N ASN A 81 -22.95 17.38 -8.54
CA ASN A 81 -22.05 18.15 -9.44
C ASN A 81 -22.15 19.64 -9.15
N GLY A 82 -21.09 20.40 -9.47
CA GLY A 82 -21.14 21.87 -9.36
C GLY A 82 -21.48 22.31 -7.97
N ARG A 83 -21.01 21.55 -6.98
CA ARG A 83 -21.25 21.92 -5.57
C ARG A 83 -19.87 21.86 -4.96
N SER A 84 -19.02 22.84 -5.27
CA SER A 84 -17.61 22.71 -4.84
C SER A 84 -17.12 21.40 -5.48
N PHE A 85 -16.74 20.41 -4.69
CA PHE A 85 -16.18 19.18 -5.30
C PHE A 85 -16.94 17.93 -4.88
N PRO A 86 -17.06 16.89 -5.74
CA PRO A 86 -17.70 15.61 -5.38
C PRO A 86 -17.01 14.75 -4.32
N LEU A 87 -17.80 14.00 -3.53
CA LEU A 87 -17.25 13.18 -2.43
C LEU A 87 -17.57 11.70 -2.67
N TYR A 88 -16.69 10.79 -2.22
CA TYR A 88 -16.88 9.33 -2.39
C TYR A 88 -17.03 8.71 -1.00
N LEU A 89 -18.13 8.00 -0.77
CA LEU A 89 -18.47 7.36 0.53
C LEU A 89 -18.85 5.90 0.32
N GLN A 90 -19.18 5.21 1.40
CA GLN A 90 -19.65 3.81 1.35
C GLN A 90 -21.04 3.77 1.99
N ILE A 91 -21.97 3.05 1.37
CA ILE A 91 -23.38 2.93 1.81
C ILE A 91 -23.74 1.44 1.92
N ASP A 92 -24.55 1.07 2.91
CA ASP A 92 -25.12 -0.30 3.03
C ASP A 92 -26.45 -0.35 2.25
N GLU A 93 -26.38 -0.65 0.95
CA GLU A 93 -27.54 -0.81 0.04
C GLU A 93 -28.39 -2.03 0.47
N GLU A 94 -27.82 -2.98 1.23
CA GLU A 94 -28.52 -4.25 1.59
C GLU A 94 -29.48 -4.01 2.76
N ASN A 95 -29.12 -3.19 3.75
CA ASN A 95 -29.85 -3.05 5.03
C ASN A 95 -30.35 -1.63 5.24
N SER A 96 -30.11 -0.73 4.28
CA SER A 96 -30.69 0.63 4.26
C SER A 96 -32.12 0.55 3.70
N GLY A 97 -33.10 0.98 4.50
CA GLY A 97 -34.48 1.28 4.05
C GLY A 97 -34.66 2.76 3.84
N ASP A 98 -35.51 3.40 4.66
CA ASP A 98 -35.77 4.86 4.65
C ASP A 98 -34.51 5.64 5.01
N VAL A 99 -33.60 5.02 5.81
CA VAL A 99 -32.33 5.64 6.30
C VAL A 99 -31.14 5.04 5.54
N ALA A 100 -30.50 5.85 4.69
CA ALA A 100 -29.16 5.63 4.09
C ALA A 100 -28.11 5.55 5.20
N VAL A 101 -27.49 4.39 5.39
CA VAL A 101 -26.42 4.15 6.39
C VAL A 101 -25.07 4.30 5.68
N LEU A 102 -24.36 5.38 5.99
CA LEU A 102 -23.10 5.76 5.33
C LEU A 102 -21.92 5.45 6.27
N TYR A 103 -20.81 5.04 5.67
CA TYR A 103 -19.55 4.71 6.36
C TYR A 103 -18.41 5.51 5.76
N ASP A 104 -17.39 5.73 6.59
CA ASP A 104 -16.06 6.23 6.18
C ASP A 104 -15.09 5.89 7.29
N MET A 105 -13.87 5.47 6.95
CA MET A 105 -12.74 5.38 7.91
C MET A 105 -11.81 6.55 7.67
N PRO A 106 -11.57 7.43 8.67
CA PRO A 106 -10.80 8.64 8.43
C PRO A 106 -9.41 8.27 7.89
N THR A 107 -9.11 8.64 6.64
CA THR A 107 -7.78 8.45 6.05
C THR A 107 -6.76 9.32 6.79
N THR A 108 -7.21 10.40 7.45
CA THR A 108 -6.32 11.34 8.17
C THR A 108 -5.51 10.59 9.25
N LEU A 109 -6.11 9.53 9.80
CA LEU A 109 -5.51 8.70 10.86
C LEU A 109 -4.20 8.10 10.32
N GLY A 110 -4.14 7.88 9.00
CA GLY A 110 -2.95 7.40 8.28
C GLY A 110 -1.70 8.25 8.53
N GLY A 111 -1.88 9.53 8.82
CA GLY A 111 -0.76 10.45 9.05
C GLY A 111 -0.14 10.26 10.42
N ILE A 112 -0.90 9.74 11.41
CA ILE A 112 -0.40 9.50 12.79
C ILE A 112 0.65 8.38 12.73
N ASP A 113 0.31 7.25 12.07
CA ASP A 113 1.20 6.06 11.88
C ASP A 113 2.55 6.54 11.35
N LYS A 114 2.55 7.07 10.13
CA LYS A 114 3.76 7.44 9.37
C LYS A 114 4.55 8.48 10.17
N ALA A 115 3.85 9.38 10.85
CA ALA A 115 4.46 10.41 11.72
C ALA A 115 5.22 9.74 12.86
N ILE A 116 4.56 8.88 13.64
CA ILE A 116 5.16 8.23 14.83
C ILE A 116 6.34 7.37 14.36
N GLU A 117 6.16 6.66 13.24
CA GLU A 117 7.16 5.79 12.54
C GLU A 117 8.39 6.61 12.11
N MET A 118 8.21 7.81 11.54
CA MET A 118 9.30 8.80 11.23
C MET A 118 10.08 9.13 12.52
N TYR A 119 9.39 9.50 13.60
CA TYR A 119 9.98 10.12 14.82
C TYR A 119 10.61 9.06 15.72
N MET A 120 10.40 7.77 15.43
CA MET A 120 11.05 6.64 16.16
C MET A 120 12.54 6.69 15.83
N LYS A 121 13.39 6.69 16.85
CA LYS A 121 14.84 7.00 16.73
C LYS A 121 15.63 5.71 16.45
N LYS A 122 15.01 4.70 15.80
CA LYS A 122 15.68 3.40 15.50
C LYS A 122 14.72 2.44 14.77
N GLY A 123 15.29 1.53 13.97
CA GLY A 123 14.57 0.48 13.22
C GLY A 123 14.44 -0.80 14.03
N HIS A 124 13.22 -1.36 14.08
CA HIS A 124 12.88 -2.61 14.81
C HIS A 124 12.08 -3.53 13.89
N ILE A 125 12.15 -4.84 14.11
CA ILE A 125 11.13 -5.75 13.55
C ILE A 125 9.79 -5.34 14.18
N GLY A 126 8.79 -5.04 13.34
CA GLY A 126 7.56 -4.37 13.75
C GLY A 126 7.83 -3.09 14.56
N LYS A 127 7.25 -2.99 15.76
CA LYS A 127 7.04 -1.72 16.50
C LYS A 127 7.27 -2.00 17.98
N THR A 128 7.61 -0.97 18.75
CA THR A 128 7.87 -1.06 20.21
C THR A 128 6.53 -0.93 20.94
N SER A 129 6.48 -1.33 22.22
CA SER A 129 5.28 -1.25 23.09
C SER A 129 4.93 0.23 23.33
N GLN A 130 5.94 1.04 23.59
CA GLN A 130 5.82 2.52 23.81
C GLN A 130 5.25 3.16 22.54
N GLN A 131 5.85 2.88 21.38
CA GLN A 131 5.36 3.35 20.06
C GLN A 131 3.87 3.06 19.94
N GLN A 132 3.46 1.83 20.23
CA GLN A 132 2.06 1.36 20.04
C GLN A 132 1.18 1.97 21.15
N LEU A 133 1.78 2.44 22.25
CA LEU A 133 1.10 3.21 23.33
C LEU A 133 0.73 4.62 22.82
N LEU A 134 1.63 5.30 22.08
CA LEU A 134 1.37 6.66 21.52
C LEU A 134 0.22 6.56 20.51
N GLU A 135 0.33 5.67 19.53
CA GLU A 135 -0.73 5.41 18.53
C GLU A 135 -2.07 5.26 19.24
N GLU A 136 -2.12 4.36 20.22
CA GLU A 136 -3.31 4.00 21.03
C GLU A 136 -3.98 5.27 21.58
N ARG A 137 -3.23 6.08 22.30
CA ARG A 137 -3.77 7.24 23.06
C ARG A 137 -4.12 8.38 22.08
N GLU A 138 -3.49 8.43 20.89
CA GLU A 138 -3.79 9.45 19.83
C GLU A 138 -5.10 9.08 19.12
N LEU A 139 -5.37 7.80 18.94
CA LEU A 139 -6.64 7.37 18.32
C LEU A 139 -7.78 7.65 19.28
N ARG A 140 -7.55 7.44 20.56
CA ARG A 140 -8.59 7.68 21.60
C ARG A 140 -8.92 9.17 21.68
N ASN A 141 -7.90 10.01 21.62
CA ASN A 141 -8.12 11.48 21.66
C ASN A 141 -8.89 11.93 20.42
N PHE A 142 -8.58 11.36 19.26
CA PHE A 142 -9.27 11.73 18.01
C PHE A 142 -10.74 11.37 18.13
N LYS A 143 -11.03 10.18 18.63
CA LYS A 143 -12.43 9.71 18.76
C LYS A 143 -13.15 10.64 19.73
N THR A 144 -12.54 10.95 20.87
CA THR A 144 -13.15 11.82 21.92
C THR A 144 -13.37 13.22 21.35
N THR A 145 -12.39 13.75 20.62
CA THR A 145 -12.52 15.09 20.00
C THR A 145 -13.64 15.08 18.96
N LEU A 146 -13.72 14.04 18.12
CA LEU A 146 -14.76 13.94 17.08
C LEU A 146 -16.14 13.78 17.72
N ILE A 147 -16.25 12.98 18.77
CA ILE A 147 -17.56 12.73 19.43
C ILE A 147 -18.03 14.06 20.02
N ASN A 148 -17.09 14.88 20.51
CA ASN A 148 -17.51 16.13 21.19
C ASN A 148 -17.92 17.12 20.13
N LEU A 149 -17.15 17.23 19.05
CA LEU A 149 -17.49 18.06 17.88
C LEU A 149 -18.90 17.69 17.32
N ILE A 150 -19.11 16.42 17.02
CA ILE A 150 -20.38 15.89 16.43
C ILE A 150 -21.57 16.31 17.30
N ASN A 151 -21.46 16.06 18.61
CA ASN A 151 -22.56 16.20 19.60
C ASN A 151 -22.87 17.68 19.83
N ASN A 152 -21.91 18.59 19.62
CA ASN A 152 -22.09 20.03 19.92
C ASN A 152 -22.73 20.78 18.76
N ASN A 153 -23.42 20.09 17.83
CA ASN A 153 -24.02 20.76 16.65
C ASN A 153 -25.27 20.00 16.17
N SER A 154 -26.41 20.70 16.13
CA SER A 154 -27.71 20.31 15.50
C SER A 154 -27.46 19.58 14.16
N PHE A 155 -26.51 20.05 13.39
CA PHE A 155 -26.34 19.67 11.97
C PHE A 155 -25.64 18.31 11.87
N THR A 156 -25.01 17.82 12.96
CA THR A 156 -24.29 16.52 12.99
C THR A 156 -24.83 15.59 14.10
N LYS A 157 -25.37 16.15 15.20
CA LYS A 157 -25.56 15.43 16.50
C LYS A 157 -26.29 14.10 16.29
N THR A 158 -27.39 14.09 15.57
CA THR A 158 -28.18 12.85 15.38
C THR A 158 -27.70 12.10 14.14
N PHE A 159 -26.93 12.76 13.28
CA PHE A 159 -26.70 12.32 11.87
C PHE A 159 -25.37 11.53 11.76
N VAL A 160 -24.43 11.75 12.67
CA VAL A 160 -23.07 11.12 12.65
C VAL A 160 -22.81 10.36 13.95
N LYS A 161 -22.28 9.14 13.82
CA LYS A 161 -21.99 8.19 14.93
C LYS A 161 -20.59 7.65 14.73
N VAL A 162 -19.80 7.59 15.80
CA VAL A 162 -18.45 6.97 15.82
C VAL A 162 -18.64 5.52 16.23
N ILE A 163 -18.22 4.56 15.38
CA ILE A 163 -18.34 3.08 15.64
C ILE A 163 -16.95 2.45 15.65
N GLU A 164 -16.89 1.20 16.12
CA GLU A 164 -15.65 0.37 16.22
C GLU A 164 -15.48 -0.41 14.92
N GLU A 165 -14.24 -0.79 14.59
CA GLU A 165 -13.92 -1.73 13.48
C GLU A 165 -14.52 -3.09 13.85
N GLY B 7 9.36 14.75 19.58
CA GLY B 7 8.40 15.87 19.84
C GLY B 7 7.60 16.23 18.59
N LEU B 8 6.42 15.61 18.41
CA LEU B 8 5.59 15.71 17.17
C LEU B 8 4.75 16.98 17.26
N LEU B 9 5.01 17.94 16.38
CA LEU B 9 4.14 19.13 16.19
C LEU B 9 2.94 18.72 15.34
N PRO B 10 1.71 19.23 15.60
CA PRO B 10 0.56 18.95 14.74
C PRO B 10 0.83 19.27 13.27
N SER B 11 1.51 20.38 13.02
CA SER B 11 1.90 20.83 11.67
C SER B 11 2.65 19.69 10.95
N THR B 12 3.50 18.97 11.68
CA THR B 12 4.30 17.82 11.16
C THR B 12 3.37 16.66 10.74
N VAL B 13 2.42 16.27 11.58
CA VAL B 13 1.46 15.18 11.25
C VAL B 13 0.66 15.63 10.02
N LEU B 14 0.20 16.89 9.99
CA LEU B 14 -0.74 17.41 8.96
C LEU B 14 -0.01 17.39 7.59
N ALA B 15 1.26 17.77 7.60
CA ALA B 15 2.14 17.77 6.43
C ALA B 15 2.26 16.34 5.92
N ILE B 16 2.52 15.38 6.79
CA ILE B 16 2.66 13.95 6.37
C ILE B 16 1.31 13.44 5.81
N GLY B 17 0.19 13.78 6.47
CA GLY B 17 -1.17 13.40 6.02
C GLY B 17 -1.44 13.94 4.63
N TYR B 18 -1.08 15.20 4.40
CA TYR B 18 -1.32 15.90 3.12
C TYR B 18 -0.37 15.29 2.09
N TYR B 19 0.80 14.80 2.51
CA TYR B 19 1.79 14.28 1.53
C TYR B 19 1.32 12.90 1.02
N GLU B 20 0.94 12.03 1.96
CA GLU B 20 0.63 10.60 1.69
C GLU B 20 -0.71 10.50 0.96
N ASN B 21 -1.70 11.31 1.36
CA ASN B 21 -3.12 11.09 0.99
C ASN B 21 -3.57 12.07 -0.11
N PHE B 22 -2.72 13.04 -0.50
CA PHE B 22 -3.05 14.07 -1.50
C PHE B 22 -1.89 14.26 -2.49
N VAL B 23 -0.71 14.71 -2.06
CA VAL B 23 0.43 14.99 -2.99
C VAL B 23 0.74 13.74 -3.80
N SER B 24 1.14 12.65 -3.14
CA SER B 24 1.53 11.36 -3.76
C SER B 24 0.38 10.83 -4.64
N THR B 25 -0.85 10.88 -4.13
CA THR B 25 -2.08 10.37 -4.80
C THR B 25 -2.26 11.08 -6.14
N VAL B 26 -2.07 12.42 -6.15
CA VAL B 26 -2.19 13.28 -7.36
C VAL B 26 -1.03 12.99 -8.34
N CYS B 27 0.22 13.10 -7.92
CA CYS B 27 1.40 12.81 -8.77
C CYS B 27 1.27 11.43 -9.40
N ASP B 28 0.90 10.43 -8.60
CA ASP B 28 0.71 9.02 -9.06
C ASP B 28 -0.34 8.98 -10.17
N ALA B 29 -1.54 9.54 -9.93
CA ALA B 29 -2.63 9.62 -10.93
C ALA B 29 -2.07 10.17 -12.25
N LEU B 30 -1.31 11.25 -12.20
CA LEU B 30 -0.79 11.96 -13.41
C LEU B 30 0.35 11.16 -14.04
N HIS B 31 1.19 10.54 -13.22
CA HIS B 31 2.30 9.63 -13.59
C HIS B 31 1.80 8.36 -14.30
N SER B 32 0.54 7.98 -14.06
CA SER B 32 -0.06 6.72 -14.58
C SER B 32 -0.78 6.97 -15.91
N LEU B 33 -0.90 8.21 -16.36
CA LEU B 33 -1.53 8.55 -17.67
C LEU B 33 -0.47 8.47 -18.77
N PRO B 34 -0.67 7.65 -19.83
CA PRO B 34 0.33 7.51 -20.88
C PRO B 34 0.67 8.90 -21.43
N THR B 35 -0.36 9.69 -21.64
CA THR B 35 -0.26 11.12 -22.03
C THR B 35 -1.17 11.94 -21.11
N ILE B 36 -0.61 12.94 -20.44
CA ILE B 36 -1.33 13.87 -19.54
C ILE B 36 -2.30 14.70 -20.40
N LYS B 37 -3.59 14.63 -20.09
CA LYS B 37 -4.66 15.36 -20.81
C LYS B 37 -5.59 15.98 -19.77
N LEU B 38 -5.40 17.28 -19.47
CA LEU B 38 -6.16 18.01 -18.43
C LEU B 38 -7.11 19.02 -19.08
N ASN B 39 -8.39 18.98 -18.72
CA ASN B 39 -9.45 19.80 -19.35
C ASN B 39 -9.20 19.79 -20.87
N GLY B 40 -9.01 18.59 -21.44
CA GLY B 40 -8.89 18.32 -22.88
C GLY B 40 -7.77 19.10 -23.56
N ILE B 41 -6.62 19.33 -22.93
CA ILE B 41 -5.38 19.74 -23.64
C ILE B 41 -4.23 18.87 -23.16
N GLU B 42 -3.39 18.40 -24.09
CA GLU B 42 -2.35 17.38 -23.89
C GLU B 42 -1.06 18.07 -23.43
N TYR B 43 -0.47 17.61 -22.32
CA TYR B 43 0.78 18.11 -21.71
C TYR B 43 1.82 16.99 -21.72
N LYS B 44 3.10 17.35 -21.79
CA LYS B 44 4.24 16.39 -21.87
C LYS B 44 4.86 16.21 -20.48
N ASP B 45 4.47 17.04 -19.52
CA ASP B 45 5.05 17.07 -18.15
C ASP B 45 4.15 17.94 -17.27
N PHE B 46 4.48 18.03 -15.98
CA PHE B 46 3.67 18.79 -15.00
C PHE B 46 4.56 19.27 -13.86
N VAL B 47 4.16 20.39 -13.25
CA VAL B 47 4.61 20.81 -11.91
C VAL B 47 3.37 20.99 -11.04
N PHE B 48 3.46 20.69 -9.75
CA PHE B 48 2.32 20.79 -8.80
C PHE B 48 2.74 21.75 -7.68
N ASN B 49 2.14 22.94 -7.68
CA ASN B 49 2.52 24.06 -6.77
C ASN B 49 1.67 23.97 -5.51
N ILE B 50 2.30 23.83 -4.35
CA ILE B 50 1.62 23.90 -3.02
C ILE B 50 1.79 25.33 -2.47
N ILE B 51 0.70 26.09 -2.40
CA ILE B 51 0.69 27.51 -1.93
C ILE B 51 0.60 27.48 -0.40
N ILE B 52 1.62 27.94 0.28
CA ILE B 52 1.55 28.13 1.76
C ILE B 52 0.99 29.52 2.01
N PRO B 53 -0.07 29.66 2.82
CA PRO B 53 -0.57 30.98 3.17
C PRO B 53 0.40 31.67 4.14
N ASN B 54 0.46 33.01 4.10
CA ASN B 54 1.36 33.86 4.94
C ASN B 54 0.83 33.97 6.38
N ASP B 55 -0.44 33.61 6.64
CA ASP B 55 -1.03 33.61 8.01
C ASP B 55 -2.36 32.85 7.98
N LEU B 56 -2.96 32.63 9.15
CA LEU B 56 -4.25 31.89 9.28
C LEU B 56 -5.38 32.87 9.65
N ASP B 57 -5.30 34.13 9.22
CA ASP B 57 -6.30 35.16 9.59
C ASP B 57 -7.60 34.91 8.84
N ALA B 58 -7.53 34.74 7.51
CA ALA B 58 -8.64 34.25 6.66
C ALA B 58 -8.63 32.71 6.67
N ASP B 59 -9.85 32.13 6.70
CA ASP B 59 -10.10 30.67 6.55
C ASP B 59 -9.59 30.22 5.17
N ILE B 60 -9.03 29.00 5.08
CA ILE B 60 -8.22 28.52 3.92
C ILE B 60 -9.10 28.38 2.67
N LYS B 61 -10.31 27.86 2.80
CA LYS B 61 -11.21 27.63 1.64
C LYS B 61 -11.57 29.01 1.04
N ARG B 62 -11.85 29.98 1.91
CA ARG B 62 -12.19 31.38 1.52
C ARG B 62 -10.97 31.97 0.82
N ARG B 63 -9.83 31.83 1.48
CA ARG B 63 -8.49 32.35 1.07
C ARG B 63 -8.07 31.78 -0.29
N ALA B 64 -8.07 30.45 -0.40
CA ALA B 64 -7.67 29.75 -1.62
C ALA B 64 -8.52 30.26 -2.78
N GLN B 65 -9.83 30.32 -2.57
CA GLN B 65 -10.81 30.76 -3.60
C GLN B 65 -10.40 32.17 -4.07
N ILE B 66 -9.98 33.04 -3.15
CA ILE B 66 -9.58 34.44 -3.49
C ILE B 66 -8.32 34.37 -4.33
N TYR B 67 -7.34 33.60 -3.90
CA TYR B 67 -6.03 33.45 -4.58
C TYR B 67 -6.22 32.99 -6.03
N PHE B 68 -7.11 32.03 -6.25
CA PHE B 68 -7.25 31.32 -7.55
C PHE B 68 -8.01 32.20 -8.55
N LYS B 69 -9.00 32.94 -8.06
CA LYS B 69 -9.75 33.95 -8.85
C LYS B 69 -8.78 35.06 -9.22
N LYS B 70 -8.01 35.55 -8.23
CA LYS B 70 -7.06 36.68 -8.36
C LYS B 70 -6.01 36.33 -9.43
N MET B 71 -5.54 35.08 -9.40
CA MET B 71 -4.45 34.59 -10.28
C MET B 71 -5.06 34.00 -11.56
N ASP B 72 -6.37 34.12 -11.71
CA ASP B 72 -7.15 33.61 -12.87
C ASP B 72 -6.61 32.23 -13.24
N ILE B 73 -6.77 31.27 -12.33
CA ILE B 73 -6.53 29.82 -12.56
C ILE B 73 -7.79 29.08 -12.10
N HIS B 74 -8.23 28.09 -12.89
CA HIS B 74 -9.58 27.50 -12.82
C HIS B 74 -9.50 26.04 -12.36
N GLU B 75 -10.61 25.52 -11.87
CA GLU B 75 -10.75 24.14 -11.36
C GLU B 75 -10.37 23.16 -12.47
N VAL B 76 -9.82 22.00 -12.07
CA VAL B 76 -9.64 20.79 -12.91
C VAL B 76 -9.77 19.58 -11.97
N LYS B 77 -10.55 18.58 -12.36
CA LYS B 77 -10.69 17.29 -11.61
C LYS B 77 -9.72 16.27 -12.26
N ILE B 78 -8.84 15.68 -11.47
CA ILE B 78 -7.97 14.59 -11.98
C ILE B 78 -8.55 13.28 -11.44
N ASP B 79 -9.05 12.41 -12.31
CA ASP B 79 -9.61 11.09 -11.92
C ASP B 79 -8.46 10.17 -11.51
N THR B 80 -8.42 9.72 -10.27
CA THR B 80 -7.25 8.94 -9.78
C THR B 80 -7.21 7.59 -10.46
N ASN B 81 -6.01 7.00 -10.63
CA ASN B 81 -5.92 5.73 -11.38
C ASN B 81 -6.37 4.59 -10.49
N GLY B 82 -6.83 4.91 -9.27
CA GLY B 82 -7.45 3.89 -8.42
C GLY B 82 -8.87 3.75 -8.91
N ARG B 83 -9.85 3.47 -8.05
CA ARG B 83 -11.22 3.21 -8.57
C ARG B 83 -11.92 4.51 -8.95
N SER B 84 -11.39 5.24 -9.95
CA SER B 84 -12.05 6.46 -10.48
C SER B 84 -12.47 7.42 -9.38
N PHE B 85 -11.55 7.85 -8.53
CA PHE B 85 -11.93 8.90 -7.55
C PHE B 85 -11.26 10.21 -7.95
N PRO B 86 -11.91 11.11 -8.70
CA PRO B 86 -11.36 12.44 -8.97
C PRO B 86 -10.93 13.27 -7.74
N LEU B 87 -9.80 13.97 -7.85
CA LEU B 87 -9.30 14.86 -6.77
C LEU B 87 -9.45 16.31 -7.27
N TYR B 88 -9.61 17.28 -6.35
CA TYR B 88 -9.92 18.67 -6.75
C TYR B 88 -8.69 19.56 -6.73
N LEU B 89 -8.39 20.24 -7.84
CA LEU B 89 -7.28 21.25 -7.83
C LEU B 89 -7.39 22.23 -9.01
N GLN B 90 -6.50 23.23 -9.04
CA GLN B 90 -6.57 24.39 -9.95
C GLN B 90 -5.42 24.32 -10.97
N ILE B 91 -5.66 24.68 -12.23
CA ILE B 91 -4.62 24.68 -13.30
C ILE B 91 -4.50 26.09 -13.92
N ASP B 92 -3.25 26.49 -14.14
CA ASP B 92 -2.95 27.77 -14.81
C ASP B 92 -2.69 27.46 -16.28
N GLU B 93 -3.73 27.45 -17.12
CA GLU B 93 -3.56 27.07 -18.55
C GLU B 93 -3.10 28.28 -19.35
N GLU B 94 -1.79 28.56 -19.38
CA GLU B 94 -1.36 29.83 -20.02
C GLU B 94 -0.30 29.71 -21.12
N ASN B 95 -0.51 30.41 -22.25
CA ASN B 95 0.51 30.51 -23.34
C ASN B 95 0.94 29.18 -23.96
N SER B 96 0.05 28.20 -24.15
CA SER B 96 0.44 26.97 -24.88
C SER B 96 1.71 26.32 -24.31
N GLY B 97 1.85 26.27 -22.97
CA GLY B 97 2.99 25.60 -22.34
C GLY B 97 2.93 24.08 -22.41
N ASP B 98 4.07 23.42 -22.55
CA ASP B 98 4.11 21.93 -22.53
C ASP B 98 3.77 21.41 -21.12
N VAL B 99 4.21 22.09 -20.07
CA VAL B 99 4.03 21.61 -18.67
C VAL B 99 2.72 22.07 -18.05
N ALA B 100 1.98 21.14 -17.46
CA ALA B 100 0.74 21.49 -16.75
C ALA B 100 1.10 22.05 -15.38
N VAL B 101 0.79 23.31 -15.14
CA VAL B 101 1.17 24.03 -13.89
C VAL B 101 -0.06 23.99 -12.99
N LEU B 102 -0.02 23.12 -11.98
CA LEU B 102 -1.13 22.82 -11.06
C LEU B 102 -0.87 23.50 -9.73
N TYR B 103 -1.93 23.84 -9.02
CA TYR B 103 -1.89 24.53 -7.71
C TYR B 103 -2.80 23.79 -6.72
N ASP B 104 -2.39 23.74 -5.45
CA ASP B 104 -3.30 23.55 -4.28
C ASP B 104 -2.83 24.44 -3.13
N MET B 105 -3.77 24.88 -2.30
CA MET B 105 -3.50 25.48 -0.97
C MET B 105 -4.07 24.54 0.09
N PRO B 106 -3.23 23.97 0.96
CA PRO B 106 -3.66 22.89 1.85
C PRO B 106 -4.81 23.30 2.79
N THR B 107 -5.99 22.78 2.50
CA THR B 107 -7.20 23.04 3.32
C THR B 107 -7.02 22.42 4.71
N THR B 108 -6.14 21.43 4.87
CA THR B 108 -5.84 20.81 6.18
C THR B 108 -5.34 21.89 7.18
N LEU B 109 -4.65 22.92 6.70
CA LEU B 109 -4.17 24.06 7.53
C LEU B 109 -5.34 24.71 8.30
N GLY B 110 -6.56 24.67 7.75
CA GLY B 110 -7.77 25.13 8.46
C GLY B 110 -7.82 24.62 9.89
N GLY B 111 -7.59 23.32 10.04
CA GLY B 111 -7.48 22.61 11.33
C GLY B 111 -6.67 23.38 12.35
N ILE B 112 -5.57 24.03 11.93
CA ILE B 112 -4.62 24.70 12.85
C ILE B 112 -5.27 25.97 13.41
N ASP B 113 -5.92 26.77 12.53
CA ASP B 113 -6.62 28.03 12.92
C ASP B 113 -7.68 27.69 13.96
N LYS B 114 -8.66 26.86 13.58
CA LYS B 114 -9.80 26.44 14.43
C LYS B 114 -9.26 25.87 15.74
N ALA B 115 -8.21 25.04 15.67
CA ALA B 115 -7.60 24.35 16.82
C ALA B 115 -6.98 25.36 17.78
N ILE B 116 -6.22 26.31 17.25
CA ILE B 116 -5.52 27.37 18.03
C ILE B 116 -6.58 28.27 18.68
N GLU B 117 -7.57 28.72 17.91
CA GLU B 117 -8.64 29.66 18.34
C GLU B 117 -9.61 28.95 19.30
N MET B 118 -9.54 27.61 19.42
CA MET B 118 -10.45 26.78 20.26
C MET B 118 -9.80 26.48 21.62
N TYR B 119 -8.47 26.48 21.72
CA TYR B 119 -7.74 26.29 22.99
C TYR B 119 -7.09 27.63 23.39
N MET B 120 -7.87 28.71 23.27
CA MET B 120 -7.51 30.09 23.70
C MET B 120 -8.77 30.94 23.84
N ILE B 125 -10.19 37.82 23.33
CA ILE B 125 -10.34 38.06 21.86
C ILE B 125 -9.16 38.88 21.35
N GLY B 126 -8.88 38.77 20.04
CA GLY B 126 -7.70 39.44 19.48
C GLY B 126 -6.56 38.47 19.34
N LYS B 127 -5.86 38.49 18.20
CA LYS B 127 -4.79 37.51 17.97
C LYS B 127 -3.53 38.04 18.63
N THR B 128 -3.10 37.39 19.71
CA THR B 128 -1.93 37.89 20.45
C THR B 128 -0.70 37.68 19.57
N SER B 129 0.31 38.54 19.72
CA SER B 129 1.57 38.33 18.98
C SER B 129 2.09 36.96 19.41
N GLN B 130 1.78 36.53 20.63
CA GLN B 130 2.16 35.16 21.05
C GLN B 130 1.43 34.13 20.18
N GLN B 131 0.11 34.25 20.00
CA GLN B 131 -0.66 33.31 19.13
C GLN B 131 -0.21 33.45 17.67
N GLN B 132 0.09 34.67 17.23
CA GLN B 132 0.56 34.91 15.85
C GLN B 132 1.89 34.20 15.64
N LEU B 133 2.77 34.24 16.62
CA LEU B 133 4.11 33.62 16.47
C LEU B 133 3.95 32.10 16.54
N LEU B 134 2.91 31.62 17.21
CA LEU B 134 2.59 30.17 17.31
C LEU B 134 2.07 29.67 15.96
N GLU B 135 1.09 30.36 15.37
CA GLU B 135 0.48 29.97 14.07
C GLU B 135 1.49 30.23 12.94
N GLU B 136 2.42 31.18 13.13
CA GLU B 136 3.57 31.39 12.19
C GLU B 136 4.47 30.15 12.22
N ARG B 137 4.84 29.70 13.42
CA ARG B 137 5.76 28.55 13.66
C ARG B 137 5.21 27.28 12.98
N GLU B 138 3.90 27.05 13.13
CA GLU B 138 3.21 25.87 12.56
C GLU B 138 3.25 25.95 11.03
N LEU B 139 2.90 27.08 10.44
CA LEU B 139 2.94 27.26 8.96
C LEU B 139 4.35 26.92 8.44
N ARG B 140 5.42 27.38 9.11
CA ARG B 140 6.82 27.14 8.69
C ARG B 140 7.17 25.65 8.89
N ASN B 141 6.74 25.06 10.00
CA ASN B 141 7.05 23.65 10.32
C ASN B 141 6.39 22.74 9.27
N PHE B 142 5.15 23.07 8.90
CA PHE B 142 4.35 22.37 7.87
C PHE B 142 5.07 22.46 6.52
N LYS B 143 5.44 23.67 6.11
CA LYS B 143 6.18 23.93 4.87
C LYS B 143 7.50 23.14 4.88
N THR B 144 8.19 23.06 6.01
CA THR B 144 9.55 22.47 6.10
C THR B 144 9.45 20.95 6.01
N THR B 145 8.59 20.34 6.83
CA THR B 145 8.23 18.90 6.75
C THR B 145 7.85 18.56 5.30
N LEU B 146 6.93 19.31 4.70
CA LEU B 146 6.38 19.01 3.35
C LEU B 146 7.52 19.02 2.34
N ILE B 147 8.39 20.04 2.37
CA ILE B 147 9.53 20.17 1.43
C ILE B 147 10.40 18.93 1.60
N ASN B 148 10.65 18.51 2.84
CA ASN B 148 11.56 17.39 3.15
C ASN B 148 10.94 16.13 2.53
N LEU B 149 9.66 15.85 2.82
CA LEU B 149 8.93 14.64 2.30
C LEU B 149 9.00 14.62 0.77
N ILE B 150 8.72 15.76 0.12
CA ILE B 150 8.71 15.88 -1.36
C ILE B 150 10.07 15.45 -1.89
N ASN B 151 11.16 15.98 -1.30
CA ASN B 151 12.56 15.87 -1.81
C ASN B 151 13.12 14.46 -1.56
N ASN B 152 12.32 13.57 -0.94
CA ASN B 152 12.77 12.29 -0.35
C ASN B 152 12.17 11.10 -1.11
N ASN B 153 11.42 11.39 -2.19
CA ASN B 153 10.74 10.37 -3.04
C ASN B 153 10.83 10.84 -4.51
N SER B 154 11.18 9.94 -5.44
CA SER B 154 11.48 10.28 -6.84
C SER B 154 10.18 10.56 -7.62
N PHE B 155 9.03 10.11 -7.12
CA PHE B 155 7.69 10.35 -7.72
C PHE B 155 7.12 11.69 -7.25
N THR B 156 7.87 12.45 -6.46
CA THR B 156 7.40 13.75 -5.95
C THR B 156 8.49 14.81 -6.20
N LYS B 157 9.76 14.43 -6.06
CA LYS B 157 10.86 15.39 -6.26
C LYS B 157 10.91 15.80 -7.72
N THR B 158 11.05 17.09 -8.00
CA THR B 158 11.11 17.64 -9.38
C THR B 158 9.69 17.83 -9.92
N PHE B 159 8.70 17.35 -9.22
CA PHE B 159 7.31 17.42 -9.72
C PHE B 159 6.48 18.29 -8.79
N VAL B 160 6.97 18.52 -7.57
CA VAL B 160 6.19 19.29 -6.55
C VAL B 160 6.97 20.49 -6.02
N LYS B 161 6.34 21.66 -5.97
CA LYS B 161 6.93 22.94 -5.51
C LYS B 161 6.08 23.46 -4.35
N VAL B 162 6.70 23.81 -3.24
CA VAL B 162 6.05 24.46 -2.06
C VAL B 162 6.37 25.95 -2.11
N ILE B 163 5.36 26.81 -2.28
CA ILE B 163 5.57 28.28 -2.48
C ILE B 163 4.74 29.10 -1.48
N GLU B 164 5.08 30.39 -1.37
CA GLU B 164 4.40 31.39 -0.51
C GLU B 164 3.27 32.09 -1.28
N GLU B 165 2.18 32.42 -0.59
CA GLU B 165 1.01 33.14 -1.16
C GLU B 165 1.49 34.41 -1.84
N GLY C 4 32.82 -12.34 4.82
CA GLY C 4 31.45 -12.19 5.33
C GLY C 4 30.88 -13.51 5.77
N GLU C 5 30.19 -13.53 6.92
CA GLU C 5 29.53 -14.77 7.37
C GLU C 5 28.45 -15.09 6.33
N LEU C 6 28.34 -16.35 5.91
CA LEU C 6 27.41 -16.76 4.82
C LEU C 6 27.98 -16.22 3.51
N GLY C 7 28.14 -14.90 3.39
CA GLY C 7 28.76 -14.30 2.19
C GLY C 7 27.74 -14.15 1.07
N LEU C 8 26.52 -14.60 1.34
CA LEU C 8 25.44 -14.48 0.34
C LEU C 8 24.77 -13.12 0.53
N LEU C 9 24.58 -12.39 -0.56
CA LEU C 9 23.88 -11.09 -0.53
C LEU C 9 22.38 -11.36 -0.62
N PRO C 10 21.54 -10.72 0.21
CA PRO C 10 20.09 -10.86 0.10
C PRO C 10 19.56 -10.81 -1.34
N SER C 11 19.97 -9.82 -2.11
CA SER C 11 19.56 -9.67 -3.53
C SER C 11 19.89 -10.94 -4.31
N THR C 12 21.06 -11.56 -4.10
CA THR C 12 21.45 -12.83 -4.79
C THR C 12 20.31 -13.86 -4.59
N VAL C 13 19.89 -14.09 -3.35
CA VAL C 13 18.88 -15.12 -2.97
C VAL C 13 17.52 -14.71 -3.57
N LEU C 14 17.13 -13.43 -3.43
CA LEU C 14 15.82 -12.91 -3.94
C LEU C 14 15.73 -13.20 -5.44
N ALA C 15 16.83 -12.94 -6.16
CA ALA C 15 16.97 -13.14 -7.62
C ALA C 15 16.78 -14.64 -7.95
N ILE C 16 17.41 -15.50 -7.15
CA ILE C 16 17.40 -16.99 -7.36
C ILE C 16 15.99 -17.50 -7.09
N GLY C 17 15.38 -17.06 -6.00
CA GLY C 17 13.98 -17.43 -5.66
C GLY C 17 13.02 -17.03 -6.76
N TYR C 18 13.15 -15.80 -7.28
CA TYR C 18 12.28 -15.21 -8.33
C TYR C 18 12.47 -16.01 -9.64
N TYR C 19 13.70 -16.39 -9.95
CA TYR C 19 14.00 -17.16 -11.18
C TYR C 19 13.46 -18.57 -11.01
N GLU C 20 13.83 -19.22 -9.91
CA GLU C 20 13.48 -20.64 -9.67
C GLU C 20 11.96 -20.78 -9.60
N ASN C 21 11.27 -19.83 -8.93
CA ASN C 21 9.87 -20.05 -8.46
C ASN C 21 8.86 -19.26 -9.28
N PHE C 22 9.28 -18.38 -10.19
CA PHE C 22 8.32 -17.55 -10.95
C PHE C 22 8.70 -17.55 -12.42
N VAL C 23 9.87 -17.01 -12.76
CA VAL C 23 10.36 -16.89 -14.16
C VAL C 23 10.26 -18.24 -14.87
N SER C 24 10.82 -19.27 -14.27
CA SER C 24 10.90 -20.62 -14.90
C SER C 24 9.52 -21.30 -14.84
N THR C 25 8.70 -20.95 -13.85
CA THR C 25 7.31 -21.45 -13.72
C THR C 25 6.49 -20.90 -14.88
N VAL C 26 6.70 -19.64 -15.22
CA VAL C 26 5.97 -18.95 -16.30
C VAL C 26 6.46 -19.53 -17.63
N CYS C 27 7.77 -19.69 -17.78
CA CYS C 27 8.41 -20.15 -19.04
C CYS C 27 7.95 -21.58 -19.34
N ASP C 28 8.03 -22.48 -18.36
CA ASP C 28 7.49 -23.86 -18.45
C ASP C 28 6.03 -23.80 -18.91
N ALA C 29 5.16 -23.20 -18.11
CA ALA C 29 3.72 -23.04 -18.39
C ALA C 29 3.49 -22.68 -19.86
N LEU C 30 4.18 -21.67 -20.40
CA LEU C 30 3.88 -21.13 -21.76
C LEU C 30 4.53 -22.03 -22.83
N HIS C 31 5.65 -22.67 -22.53
CA HIS C 31 6.43 -23.50 -23.48
C HIS C 31 5.97 -24.97 -23.46
N SER C 32 5.20 -25.39 -22.45
CA SER C 32 4.51 -26.71 -22.38
C SER C 32 3.44 -26.82 -23.49
N LEU C 33 2.78 -25.70 -23.80
CA LEU C 33 1.61 -25.64 -24.72
C LEU C 33 2.09 -25.65 -26.16
N PRO C 34 1.35 -26.32 -27.06
CA PRO C 34 1.62 -26.21 -28.50
C PRO C 34 1.28 -24.80 -28.98
N THR C 35 0.18 -24.25 -28.45
CA THR C 35 -0.34 -22.89 -28.76
C THR C 35 -0.37 -22.09 -27.46
N ILE C 36 0.00 -20.80 -27.51
CA ILE C 36 -0.04 -19.87 -26.35
C ILE C 36 -1.30 -19.00 -26.49
N LYS C 37 -2.40 -19.32 -25.81
CA LYS C 37 -3.66 -18.53 -25.92
C LYS C 37 -3.83 -17.58 -24.73
N LEU C 38 -4.00 -16.29 -25.02
CA LEU C 38 -4.01 -15.16 -24.07
C LEU C 38 -4.95 -14.08 -24.61
N ASN C 39 -6.10 -13.85 -23.96
CA ASN C 39 -7.11 -12.82 -24.34
C ASN C 39 -7.69 -13.16 -25.73
N GLY C 40 -7.93 -14.45 -25.98
CA GLY C 40 -8.61 -14.96 -27.18
C GLY C 40 -7.69 -15.08 -28.38
N ILE C 41 -6.39 -14.76 -28.21
CA ILE C 41 -5.41 -14.71 -29.34
C ILE C 41 -4.42 -15.86 -29.20
N GLU C 42 -4.02 -16.46 -30.30
CA GLU C 42 -2.99 -17.53 -30.31
C GLU C 42 -1.66 -16.92 -30.76
N TYR C 43 -0.74 -16.73 -29.83
CA TYR C 43 0.62 -16.20 -30.06
C TYR C 43 1.55 -17.35 -30.39
N LYS C 44 2.48 -17.15 -31.34
CA LYS C 44 3.45 -18.19 -31.83
C LYS C 44 4.53 -18.42 -30.76
N ASP C 45 4.82 -17.40 -29.95
CA ASP C 45 5.82 -17.44 -28.85
C ASP C 45 5.50 -16.31 -27.87
N PHE C 46 6.37 -16.13 -26.87
CA PHE C 46 6.36 -14.97 -25.95
C PHE C 46 7.80 -14.52 -25.66
N VAL C 47 7.92 -13.28 -25.22
CA VAL C 47 9.12 -12.67 -24.58
C VAL C 47 8.64 -12.08 -23.24
N PHE C 48 9.38 -12.30 -22.15
CA PHE C 48 9.04 -11.96 -20.75
C PHE C 48 9.98 -10.86 -20.29
N ASN C 49 9.42 -9.71 -19.91
CA ASN C 49 10.17 -8.49 -19.51
C ASN C 49 10.02 -8.32 -18.01
N ILE C 50 11.15 -8.33 -17.28
CA ILE C 50 11.23 -8.13 -15.82
C ILE C 50 11.62 -6.66 -15.58
N ILE C 51 10.75 -5.86 -14.96
CA ILE C 51 11.02 -4.41 -14.79
C ILE C 51 11.78 -4.20 -13.49
N ILE C 52 12.99 -3.64 -13.55
CA ILE C 52 13.78 -3.37 -12.33
C ILE C 52 13.64 -1.89 -12.05
N PRO C 53 13.10 -1.54 -10.86
CA PRO C 53 13.00 -0.14 -10.44
C PRO C 53 14.33 0.61 -10.33
N ASN C 54 14.29 1.89 -10.68
CA ASN C 54 15.42 2.86 -10.56
C ASN C 54 15.85 2.94 -9.09
N ASP C 55 14.92 2.73 -8.16
CA ASP C 55 15.10 2.96 -6.70
C ASP C 55 14.03 2.20 -5.92
N LEU C 56 14.00 2.35 -4.60
CA LEU C 56 12.98 1.74 -3.72
C LEU C 56 12.28 2.85 -2.91
N ASP C 57 12.29 4.07 -3.44
CA ASP C 57 11.61 5.22 -2.82
C ASP C 57 10.10 4.96 -2.76
N ALA C 58 9.60 4.14 -3.68
CA ALA C 58 8.15 3.84 -3.71
C ALA C 58 7.88 2.34 -3.59
N ASP C 59 6.73 2.00 -3.03
CA ASP C 59 6.31 0.58 -2.86
C ASP C 59 6.23 -0.06 -4.24
N ILE C 60 6.67 -1.31 -4.35
CA ILE C 60 6.71 -2.00 -5.67
C ILE C 60 5.30 -2.09 -6.25
N LYS C 61 4.31 -2.44 -5.44
CA LYS C 61 2.95 -2.61 -5.98
C LYS C 61 2.42 -1.28 -6.50
N ARG C 62 2.69 -0.19 -5.79
CA ARG C 62 2.28 1.16 -6.23
C ARG C 62 2.98 1.50 -7.55
N ARG C 63 4.30 1.32 -7.59
CA ARG C 63 5.08 1.62 -8.82
C ARG C 63 4.59 0.76 -9.98
N ALA C 64 4.41 -0.51 -9.71
CA ALA C 64 4.04 -1.47 -10.77
C ALA C 64 2.77 -0.95 -11.47
N GLN C 65 1.71 -0.63 -10.70
CA GLN C 65 0.43 -0.07 -11.23
C GLN C 65 0.72 1.21 -12.01
N ILE C 66 1.55 2.09 -11.48
CA ILE C 66 1.90 3.37 -12.19
C ILE C 66 2.55 3.03 -13.53
N TYR C 67 3.53 2.11 -13.56
CA TYR C 67 4.24 1.71 -14.79
C TYR C 67 3.27 1.02 -15.76
N PHE C 68 2.47 0.06 -15.29
CA PHE C 68 1.50 -0.68 -16.15
C PHE C 68 0.49 0.31 -16.79
N LYS C 69 0.03 1.32 -16.04
CA LYS C 69 -1.03 2.27 -16.48
C LYS C 69 -0.48 3.13 -17.62
N LYS C 70 0.72 3.68 -17.45
CA LYS C 70 1.35 4.63 -18.39
C LYS C 70 1.79 3.89 -19.66
N MET C 71 2.16 2.61 -19.56
CA MET C 71 2.60 1.78 -20.70
C MET C 71 1.39 1.18 -21.42
N ASP C 72 0.21 1.35 -20.83
CA ASP C 72 -1.06 0.80 -21.34
C ASP C 72 -0.89 -0.70 -21.61
N ILE C 73 -0.51 -1.45 -20.57
CA ILE C 73 -0.46 -2.94 -20.55
C ILE C 73 -1.44 -3.41 -19.49
N HIS C 74 -1.97 -4.61 -19.62
CA HIS C 74 -3.18 -5.06 -18.91
C HIS C 74 -2.96 -6.46 -18.35
N GLU C 75 -3.79 -6.86 -17.40
CA GLU C 75 -3.73 -8.18 -16.75
C GLU C 75 -4.20 -9.24 -17.75
N VAL C 76 -3.46 -10.36 -17.76
CA VAL C 76 -3.81 -11.61 -18.46
C VAL C 76 -3.72 -12.75 -17.45
N LYS C 77 -4.73 -13.62 -17.49
CA LYS C 77 -4.79 -14.89 -16.73
C LYS C 77 -4.11 -15.98 -17.58
N ILE C 78 -3.00 -16.52 -17.06
CA ILE C 78 -2.23 -17.65 -17.67
C ILE C 78 -2.76 -18.97 -17.06
N ASP C 79 -3.98 -19.38 -17.43
CA ASP C 79 -4.73 -20.51 -16.81
C ASP C 79 -4.20 -21.84 -17.35
N THR C 80 -3.40 -22.54 -16.54
CA THR C 80 -2.75 -23.83 -16.88
C THR C 80 -3.57 -24.96 -16.25
N ASN C 81 -4.69 -25.31 -16.89
CA ASN C 81 -5.66 -26.36 -16.46
C ASN C 81 -4.91 -27.57 -15.90
N GLY C 82 -3.98 -28.13 -16.69
CA GLY C 82 -3.25 -29.37 -16.40
C GLY C 82 -2.19 -29.18 -15.32
N ARG C 83 -1.84 -27.93 -14.98
CA ARG C 83 -0.76 -27.58 -14.01
C ARG C 83 -1.35 -27.01 -12.70
N SER C 84 -2.61 -26.55 -12.71
CA SER C 84 -3.48 -26.37 -11.50
C SER C 84 -3.17 -25.07 -10.74
N PHE C 85 -2.22 -24.24 -11.18
CA PHE C 85 -1.96 -22.88 -10.65
C PHE C 85 -2.20 -21.84 -11.75
N PRO C 86 -3.37 -21.15 -11.74
CA PRO C 86 -3.53 -19.91 -12.49
C PRO C 86 -2.40 -18.92 -12.14
N LEU C 87 -1.78 -18.31 -13.15
CA LEU C 87 -0.85 -17.16 -12.97
C LEU C 87 -1.46 -15.93 -13.61
N TYR C 88 -1.24 -14.78 -13.02
CA TYR C 88 -1.62 -13.46 -13.56
C TYR C 88 -0.34 -12.77 -14.00
N LEU C 89 -0.36 -12.18 -15.19
CA LEU C 89 0.76 -11.37 -15.71
C LEU C 89 0.21 -10.09 -16.31
N GLN C 90 1.09 -9.26 -16.84
CA GLN C 90 0.75 -8.08 -17.65
C GLN C 90 1.15 -8.38 -19.08
N ILE C 91 0.28 -8.06 -20.01
CA ILE C 91 0.52 -8.19 -21.47
C ILE C 91 0.36 -6.80 -22.09
N ASP C 92 1.18 -6.52 -23.08
CA ASP C 92 1.10 -5.32 -23.93
C ASP C 92 0.52 -5.73 -25.29
N GLU C 93 -0.80 -5.96 -25.34
CA GLU C 93 -1.56 -6.38 -26.55
C GLU C 93 -1.19 -5.47 -27.75
N GLU C 94 -1.12 -4.15 -27.55
CA GLU C 94 -0.94 -3.18 -28.66
C GLU C 94 0.42 -3.38 -29.32
N ASN C 95 1.41 -3.92 -28.61
CA ASN C 95 2.78 -4.01 -29.17
C ASN C 95 3.17 -5.47 -29.31
N SER C 96 2.20 -6.37 -29.15
CA SER C 96 2.43 -7.82 -29.32
C SER C 96 1.84 -8.24 -30.67
N GLY C 97 2.56 -9.04 -31.45
CA GLY C 97 1.98 -9.57 -32.69
C GLY C 97 2.00 -11.07 -32.69
N ASP C 98 2.97 -11.65 -33.37
CA ASP C 98 3.16 -13.12 -33.33
C ASP C 98 3.65 -13.48 -31.94
N VAL C 99 4.49 -12.62 -31.38
CA VAL C 99 5.09 -12.88 -30.06
C VAL C 99 4.39 -12.03 -28.98
N ALA C 100 3.93 -12.66 -27.91
CA ALA C 100 3.31 -11.94 -26.79
C ALA C 100 4.36 -11.22 -25.93
N VAL C 101 4.12 -9.94 -25.64
CA VAL C 101 5.07 -9.13 -24.83
C VAL C 101 4.55 -9.05 -23.40
N LEU C 102 5.13 -9.85 -22.51
CA LEU C 102 4.69 -9.93 -21.09
C LEU C 102 5.63 -9.10 -20.20
N TYR C 103 5.13 -8.68 -19.02
CA TYR C 103 5.86 -7.88 -18.01
C TYR C 103 5.53 -8.34 -16.59
N ASP C 104 6.53 -8.26 -15.71
CA ASP C 104 6.40 -8.33 -14.23
C ASP C 104 7.42 -7.41 -13.63
N MET C 105 7.05 -6.72 -12.54
CA MET C 105 8.00 -6.00 -11.64
C MET C 105 8.11 -6.82 -10.38
N PRO C 106 9.29 -7.41 -10.08
CA PRO C 106 9.40 -8.43 -9.04
C PRO C 106 8.98 -7.86 -7.67
N THR C 107 7.84 -8.32 -7.15
CA THR C 107 7.29 -7.84 -5.86
C THR C 107 8.21 -8.28 -4.70
N THR C 108 9.13 -9.23 -4.95
CA THR C 108 10.15 -9.71 -3.97
C THR C 108 11.09 -8.57 -3.58
N LEU C 109 11.19 -7.52 -4.39
CA LEU C 109 12.07 -6.37 -4.08
C LEU C 109 11.52 -5.55 -2.91
N GLY C 110 10.26 -5.76 -2.53
CA GLY C 110 9.60 -5.03 -1.43
C GLY C 110 10.26 -5.31 -0.11
N GLY C 111 10.70 -6.53 0.10
CA GLY C 111 11.43 -6.89 1.33
C GLY C 111 12.71 -6.09 1.50
N ILE C 112 13.43 -5.80 0.42
CA ILE C 112 14.74 -5.12 0.55
C ILE C 112 14.53 -3.75 1.19
N ASP C 113 13.52 -3.02 0.76
CA ASP C 113 13.27 -1.65 1.29
C ASP C 113 12.97 -1.73 2.79
N LYS C 114 12.09 -2.64 3.18
CA LYS C 114 11.68 -2.71 4.61
C LYS C 114 12.88 -3.09 5.47
N ALA C 115 13.71 -4.01 5.01
CA ALA C 115 14.92 -4.42 5.73
C ALA C 115 15.94 -3.30 5.81
N ILE C 116 16.15 -2.59 4.70
CA ILE C 116 17.12 -1.46 4.69
C ILE C 116 16.58 -0.33 5.56
N GLU C 117 15.27 -0.07 5.49
CA GLU C 117 14.67 1.04 6.28
C GLU C 117 14.93 0.72 7.74
N MET C 118 14.83 -0.55 8.10
CA MET C 118 14.99 -0.96 9.52
C MET C 118 16.48 -0.96 9.89
N TYR C 119 17.30 -1.63 9.11
CA TYR C 119 18.72 -1.83 9.48
C TYR C 119 19.45 -0.49 9.53
N MET C 120 19.02 0.47 8.72
CA MET C 120 19.68 1.80 8.67
C MET C 120 19.40 2.49 10.01
N LYS C 121 18.50 1.91 10.81
CA LYS C 121 18.27 2.39 12.20
C LYS C 121 17.64 3.78 12.16
N LYS C 122 17.28 4.22 10.96
CA LYS C 122 16.60 5.54 10.87
C LYS C 122 17.35 6.56 11.75
N GLY C 123 16.67 7.17 12.73
CA GLY C 123 17.22 8.22 13.62
C GLY C 123 16.49 9.55 13.45
N HIS C 124 16.11 9.90 12.21
CA HIS C 124 15.59 11.23 11.80
C HIS C 124 14.67 11.09 10.57
N ILE C 125 14.26 12.22 9.98
CA ILE C 125 13.63 12.29 8.64
C ILE C 125 14.72 12.18 7.56
N GLY C 126 14.37 11.69 6.37
CA GLY C 126 15.27 11.56 5.20
C GLY C 126 16.10 10.28 5.22
N LYS C 127 16.26 9.65 4.07
CA LYS C 127 17.18 8.50 3.90
C LYS C 127 18.58 9.07 3.69
N THR C 128 19.57 8.51 4.39
CA THR C 128 21.01 8.85 4.27
C THR C 128 21.52 8.43 2.88
N SER C 129 22.66 9.00 2.46
CA SER C 129 23.44 8.53 1.29
C SER C 129 23.64 7.03 1.39
N GLN C 130 24.15 6.55 2.53
CA GLN C 130 24.40 5.11 2.80
C GLN C 130 23.18 4.32 2.31
N GLN C 131 21.99 4.60 2.88
CA GLN C 131 20.75 3.84 2.59
C GLN C 131 20.60 3.72 1.06
N GLN C 132 20.59 4.85 0.36
CA GLN C 132 20.36 4.92 -1.10
C GLN C 132 21.37 4.00 -1.80
N LEU C 133 22.68 4.19 -1.58
CA LEU C 133 23.76 3.37 -2.21
C LEU C 133 23.44 1.90 -1.99
N LEU C 134 23.21 1.53 -0.74
CA LEU C 134 22.92 0.13 -0.36
C LEU C 134 21.72 -0.36 -1.18
N GLU C 135 20.67 0.47 -1.29
CA GLU C 135 19.46 0.16 -2.08
C GLU C 135 19.88 0.00 -3.54
N GLU C 136 20.62 0.97 -4.09
CA GLU C 136 21.21 0.90 -5.45
C GLU C 136 22.04 -0.40 -5.59
N ARG C 137 22.87 -0.72 -4.60
CA ARG C 137 23.75 -1.91 -4.67
C ARG C 137 22.88 -3.17 -4.79
N GLU C 138 21.87 -3.34 -3.92
CA GLU C 138 21.01 -4.55 -3.87
C GLU C 138 20.23 -4.68 -5.19
N LEU C 139 19.76 -3.56 -5.76
CA LEU C 139 19.01 -3.52 -7.04
C LEU C 139 19.91 -4.00 -8.18
N ARG C 140 21.16 -3.52 -8.24
CA ARG C 140 22.14 -3.86 -9.31
C ARG C 140 22.48 -5.34 -9.17
N ASN C 141 22.70 -5.80 -7.96
CA ASN C 141 23.10 -7.20 -7.73
C ASN C 141 21.91 -8.07 -8.10
N PHE C 142 20.69 -7.60 -7.79
CA PHE C 142 19.45 -8.31 -8.17
C PHE C 142 19.44 -8.54 -9.68
N LYS C 143 19.63 -7.46 -10.44
CA LYS C 143 19.51 -7.44 -11.93
C LYS C 143 20.59 -8.34 -12.53
N THR C 144 21.86 -8.15 -12.16
CA THR C 144 23.03 -8.95 -12.66
C THR C 144 22.77 -10.44 -12.47
N THR C 145 22.46 -10.84 -11.24
CA THR C 145 22.18 -12.24 -10.83
C THR C 145 21.10 -12.83 -11.73
N LEU C 146 19.97 -12.11 -11.87
CA LEU C 146 18.79 -12.60 -12.64
C LEU C 146 19.23 -12.82 -14.10
N ILE C 147 19.89 -11.82 -14.70
CA ILE C 147 20.38 -11.86 -16.10
C ILE C 147 21.23 -13.12 -16.30
N ASN C 148 22.20 -13.37 -15.43
CA ASN C 148 23.10 -14.56 -15.52
C ASN C 148 22.25 -15.83 -15.47
N LEU C 149 21.40 -15.97 -14.46
CA LEU C 149 20.52 -17.16 -14.36
C LEU C 149 19.77 -17.35 -15.67
N ILE C 150 19.33 -16.26 -16.29
CA ILE C 150 18.54 -16.31 -17.55
C ILE C 150 19.45 -16.79 -18.69
N ASN C 151 20.68 -16.25 -18.77
CA ASN C 151 21.66 -16.53 -19.86
C ASN C 151 22.17 -17.97 -19.75
N ASN C 152 22.38 -18.46 -18.53
CA ASN C 152 23.08 -19.75 -18.28
C ASN C 152 22.09 -20.92 -18.34
N ASN C 153 20.78 -20.68 -18.56
CA ASN C 153 19.77 -21.76 -18.78
C ASN C 153 19.13 -21.61 -20.18
N SER C 154 19.13 -22.70 -20.99
CA SER C 154 18.70 -22.75 -22.43
C SER C 154 17.21 -22.40 -22.53
N PHE C 155 16.38 -22.95 -21.63
CA PHE C 155 14.90 -22.84 -21.65
C PHE C 155 14.45 -21.41 -21.32
N THR C 156 15.35 -20.55 -20.80
CA THR C 156 15.06 -19.11 -20.51
C THR C 156 15.89 -18.16 -21.39
N LYS C 157 16.97 -18.65 -22.02
CA LYS C 157 18.08 -17.81 -22.57
C LYS C 157 17.54 -16.66 -23.42
N THR C 158 16.72 -16.94 -24.42
CA THR C 158 16.26 -15.93 -25.42
C THR C 158 14.94 -15.25 -24.98
N PHE C 159 14.15 -15.89 -24.11
CA PHE C 159 12.71 -15.60 -23.89
C PHE C 159 12.49 -14.67 -22.69
N VAL C 160 13.54 -14.27 -21.96
CA VAL C 160 13.41 -13.36 -20.78
C VAL C 160 14.42 -12.23 -20.85
N LYS C 161 13.96 -11.00 -20.62
CA LYS C 161 14.73 -9.74 -20.71
C LYS C 161 14.55 -9.00 -19.38
N VAL C 162 15.61 -8.37 -18.90
CA VAL C 162 15.60 -7.50 -17.69
C VAL C 162 15.77 -6.07 -18.18
N ILE C 163 14.76 -5.23 -17.96
CA ILE C 163 14.67 -3.86 -18.52
C ILE C 163 14.57 -2.87 -17.36
N GLU C 164 14.93 -1.61 -17.62
CA GLU C 164 14.92 -0.48 -16.67
C GLU C 164 13.52 0.14 -16.63
N GLU C 165 13.19 0.81 -15.53
CA GLU C 165 11.81 1.24 -15.21
C GLU C 165 11.48 2.51 -15.99
N GLY D 4 28.22 -1.77 4.23
CA GLY D 4 27.03 -2.64 4.25
C GLY D 4 27.40 -4.06 4.63
N GLU D 5 28.34 -4.22 5.56
CA GLU D 5 28.80 -5.55 6.01
C GLU D 5 28.18 -5.93 7.37
N LEU D 6 27.28 -5.11 7.91
CA LEU D 6 26.63 -5.51 9.18
C LEU D 6 25.66 -6.64 8.85
N GLY D 7 25.11 -7.33 9.84
CA GLY D 7 24.37 -8.56 9.55
C GLY D 7 22.96 -8.51 9.02
N LEU D 8 22.76 -8.12 7.76
CA LEU D 8 21.42 -8.26 7.16
C LEU D 8 21.45 -9.65 6.52
N LEU D 9 20.68 -10.58 7.07
CA LEU D 9 20.73 -11.97 6.57
C LEU D 9 19.74 -12.13 5.41
N PRO D 10 20.03 -12.93 4.36
CA PRO D 10 19.02 -13.18 3.32
C PRO D 10 17.66 -13.68 3.85
N SER D 11 17.67 -14.58 4.83
CA SER D 11 16.45 -15.18 5.43
C SER D 11 15.61 -14.09 6.13
N THR D 12 16.23 -12.97 6.56
CA THR D 12 15.53 -11.79 7.13
C THR D 12 14.68 -11.13 6.05
N VAL D 13 15.26 -10.89 4.86
CA VAL D 13 14.55 -10.28 3.71
C VAL D 13 13.48 -11.26 3.20
N LEU D 14 13.77 -12.55 3.12
CA LEU D 14 12.75 -13.52 2.62
C LEU D 14 11.55 -13.54 3.57
N ALA D 15 11.77 -13.37 4.87
CA ALA D 15 10.72 -13.41 5.90
C ALA D 15 9.79 -12.21 5.71
N ILE D 16 10.37 -11.04 5.51
CA ILE D 16 9.63 -9.76 5.33
C ILE D 16 8.78 -9.88 4.05
N GLY D 17 9.41 -10.29 2.94
CA GLY D 17 8.76 -10.57 1.64
C GLY D 17 7.64 -11.58 1.76
N TYR D 18 7.86 -12.65 2.51
CA TYR D 18 6.87 -13.74 2.66
C TYR D 18 5.68 -13.18 3.45
N TYR D 19 5.97 -12.30 4.41
CA TYR D 19 4.93 -11.72 5.29
C TYR D 19 4.15 -10.66 4.50
N GLU D 20 4.87 -9.70 3.91
CA GLU D 20 4.28 -8.55 3.20
C GLU D 20 3.34 -9.07 2.11
N ASN D 21 3.79 -10.04 1.31
CA ASN D 21 3.18 -10.39 -0.01
C ASN D 21 2.52 -11.76 0.00
N PHE D 22 2.49 -12.49 1.11
CA PHE D 22 1.77 -13.78 1.15
C PHE D 22 0.92 -13.85 2.42
N VAL D 23 1.54 -13.79 3.59
CA VAL D 23 0.84 -14.01 4.91
C VAL D 23 -0.24 -12.95 5.10
N SER D 24 0.13 -11.68 5.01
CA SER D 24 -0.80 -10.55 5.27
C SER D 24 -1.85 -10.47 4.14
N THR D 25 -1.49 -10.79 2.89
CA THR D 25 -2.43 -10.70 1.73
C THR D 25 -3.45 -11.84 1.79
N VAL D 26 -3.06 -13.03 2.22
CA VAL D 26 -4.01 -14.16 2.40
C VAL D 26 -4.96 -13.83 3.55
N CYS D 27 -4.44 -13.50 4.73
CA CYS D 27 -5.23 -13.00 5.88
C CYS D 27 -6.16 -11.88 5.40
N ASP D 28 -5.65 -10.91 4.69
CA ASP D 28 -6.45 -9.75 4.22
C ASP D 28 -7.69 -10.28 3.48
N ALA D 29 -7.52 -11.30 2.64
CA ALA D 29 -8.57 -11.88 1.77
C ALA D 29 -9.60 -12.57 2.66
N LEU D 30 -9.16 -13.25 3.72
CA LEU D 30 -10.03 -14.05 4.61
C LEU D 30 -10.75 -13.11 5.59
N HIS D 31 -10.10 -12.03 5.98
CA HIS D 31 -10.66 -10.97 6.86
C HIS D 31 -11.78 -10.27 6.11
N SER D 32 -11.58 -10.14 4.81
CA SER D 32 -12.36 -9.25 3.93
C SER D 32 -13.59 -10.02 3.42
N LEU D 33 -13.85 -11.23 3.96
CA LEU D 33 -15.03 -12.08 3.63
C LEU D 33 -16.15 -11.88 4.64
N PRO D 34 -17.38 -11.54 4.19
CA PRO D 34 -18.52 -11.44 5.10
C PRO D 34 -18.58 -12.68 5.97
N THR D 35 -18.29 -13.85 5.39
CA THR D 35 -18.33 -15.17 6.05
C THR D 35 -17.26 -16.08 5.41
N ILE D 36 -16.34 -16.65 6.19
CA ILE D 36 -15.27 -17.54 5.66
C ILE D 36 -15.94 -18.82 5.16
N LYS D 37 -15.93 -19.03 3.84
CA LYS D 37 -16.51 -20.21 3.16
C LYS D 37 -15.44 -20.83 2.26
N LEU D 38 -15.02 -22.04 2.57
CA LEU D 38 -14.07 -22.79 1.74
C LEU D 38 -14.75 -24.08 1.31
N ASN D 39 -14.87 -24.28 -0.01
CA ASN D 39 -15.51 -25.46 -0.66
C ASN D 39 -16.77 -25.83 0.13
N GLY D 40 -17.67 -24.85 0.37
CA GLY D 40 -19.07 -25.07 0.76
C GLY D 40 -19.26 -25.18 2.27
N ILE D 41 -18.19 -25.25 3.07
CA ILE D 41 -18.29 -25.16 4.55
C ILE D 41 -17.93 -23.73 4.95
N GLU D 42 -18.78 -23.12 5.76
CA GLU D 42 -18.55 -21.77 6.33
C GLU D 42 -18.00 -21.95 7.75
N TYR D 43 -16.80 -21.42 8.01
CA TYR D 43 -16.10 -21.55 9.31
C TYR D 43 -16.30 -20.27 10.12
N LYS D 44 -16.46 -20.40 11.43
CA LYS D 44 -16.51 -19.23 12.36
C LYS D 44 -15.20 -18.43 12.27
N ASP D 45 -14.12 -19.06 11.82
CA ASP D 45 -12.74 -18.57 12.10
C ASP D 45 -11.71 -19.41 11.35
N PHE D 46 -10.50 -18.87 11.18
CA PHE D 46 -9.38 -19.56 10.51
C PHE D 46 -8.12 -19.45 11.34
N VAL D 47 -7.19 -20.36 11.06
CA VAL D 47 -5.78 -20.36 11.57
C VAL D 47 -4.87 -20.71 10.39
N PHE D 48 -3.83 -19.91 10.19
CA PHE D 48 -2.91 -20.05 9.05
C PHE D 48 -1.56 -20.51 9.62
N ASN D 49 -1.22 -21.77 9.39
CA ASN D 49 0.04 -22.39 9.88
C ASN D 49 1.09 -22.29 8.79
N ILE D 50 2.23 -21.62 9.06
CA ILE D 50 3.45 -21.68 8.22
C ILE D 50 4.26 -22.90 8.68
N ILE D 51 4.50 -23.87 7.80
CA ILE D 51 5.32 -25.06 8.12
C ILE D 51 6.77 -24.73 7.79
N ILE D 52 7.65 -24.69 8.77
CA ILE D 52 9.11 -24.54 8.54
C ILE D 52 9.71 -25.94 8.49
N PRO D 53 10.39 -26.33 7.40
CA PRO D 53 11.02 -27.66 7.36
C PRO D 53 12.29 -27.66 8.20
N ASN D 54 12.72 -28.85 8.65
CA ASN D 54 13.96 -29.08 9.46
C ASN D 54 15.21 -28.89 8.59
N ASP D 55 15.18 -29.39 7.36
CA ASP D 55 16.26 -29.16 6.36
C ASP D 55 15.64 -28.75 5.02
N LEU D 56 16.48 -28.36 4.06
CA LEU D 56 16.09 -28.07 2.66
C LEU D 56 16.65 -29.15 1.74
N ASP D 57 15.87 -29.56 0.75
CA ASP D 57 16.36 -30.27 -0.46
C ASP D 57 16.18 -29.31 -1.63
N ALA D 58 16.47 -29.77 -2.85
CA ALA D 58 16.24 -29.02 -4.10
C ALA D 58 14.75 -28.68 -4.25
N ASP D 59 13.87 -29.65 -4.07
CA ASP D 59 12.47 -29.51 -4.54
C ASP D 59 11.53 -29.30 -3.35
N ILE D 60 11.28 -28.03 -3.04
CA ILE D 60 10.51 -27.54 -1.86
C ILE D 60 9.00 -27.69 -2.13
N LYS D 61 8.58 -27.57 -3.38
CA LYS D 61 7.16 -27.71 -3.72
C LYS D 61 6.80 -29.19 -3.66
N ARG D 62 7.66 -30.06 -4.19
CA ARG D 62 7.45 -31.52 -4.13
C ARG D 62 7.45 -32.00 -2.68
N ARG D 63 8.34 -31.43 -1.86
CA ARG D 63 8.41 -31.81 -0.43
C ARG D 63 7.06 -31.50 0.20
N ALA D 64 6.48 -30.34 -0.10
CA ALA D 64 5.19 -29.92 0.47
C ALA D 64 4.05 -30.82 -0.01
N GLN D 65 4.00 -31.11 -1.30
CA GLN D 65 2.91 -31.93 -1.84
C GLN D 65 2.97 -33.29 -1.15
N ILE D 66 4.18 -33.84 -1.01
CA ILE D 66 4.36 -35.17 -0.35
C ILE D 66 3.93 -35.06 1.10
N TYR D 67 4.39 -34.03 1.79
CA TYR D 67 4.10 -33.89 3.24
C TYR D 67 2.58 -33.72 3.43
N PHE D 68 1.94 -32.96 2.56
CA PHE D 68 0.50 -32.67 2.75
C PHE D 68 -0.34 -33.87 2.30
N LYS D 69 0.11 -34.57 1.25
CA LYS D 69 -0.61 -35.81 0.80
C LYS D 69 -0.58 -36.83 1.93
N LYS D 70 0.51 -36.87 2.70
CA LYS D 70 0.61 -37.77 3.87
C LYS D 70 -0.38 -37.37 4.95
N MET D 71 -0.54 -36.07 5.19
CA MET D 71 -1.39 -35.62 6.31
C MET D 71 -2.86 -35.56 5.88
N ASP D 72 -3.15 -35.93 4.64
CA ASP D 72 -4.53 -35.85 4.09
C ASP D 72 -5.05 -34.42 4.20
N ILE D 73 -4.21 -33.45 3.87
CA ILE D 73 -4.66 -32.03 3.84
C ILE D 73 -4.68 -31.62 2.37
N HIS D 74 -5.79 -31.03 1.92
CA HIS D 74 -5.95 -30.80 0.46
C HIS D 74 -5.71 -29.37 -0.03
N GLU D 75 -5.12 -29.24 -1.23
CA GLU D 75 -4.86 -27.94 -1.87
C GLU D 75 -6.22 -27.27 -2.09
N VAL D 76 -6.43 -26.07 -1.55
CA VAL D 76 -7.64 -25.22 -1.78
C VAL D 76 -7.21 -23.92 -2.46
N LYS D 77 -8.16 -23.23 -3.09
CA LYS D 77 -7.92 -22.06 -3.98
C LYS D 77 -8.33 -20.80 -3.24
N ILE D 78 -7.42 -19.83 -3.16
CA ILE D 78 -7.76 -18.49 -2.57
C ILE D 78 -7.27 -17.43 -3.56
N ASP D 79 -7.95 -17.28 -4.69
CA ASP D 79 -7.61 -16.21 -5.66
C ASP D 79 -8.09 -14.88 -5.10
N THR D 80 -7.35 -13.80 -5.33
CA THR D 80 -7.71 -12.52 -4.67
C THR D 80 -8.51 -11.60 -5.59
N ASN D 81 -9.81 -11.44 -5.34
CA ASN D 81 -10.62 -10.48 -6.14
C ASN D 81 -10.16 -9.07 -5.80
N GLY D 82 -9.79 -8.84 -4.53
CA GLY D 82 -9.29 -7.51 -4.10
C GLY D 82 -8.03 -7.16 -4.84
N ARG D 83 -7.11 -8.11 -5.00
CA ARG D 83 -5.88 -7.89 -5.82
C ARG D 83 -5.71 -9.16 -6.65
N SER D 84 -5.71 -9.09 -7.99
CA SER D 84 -5.75 -10.36 -8.76
C SER D 84 -4.39 -11.04 -8.81
N PHE D 85 -4.19 -11.96 -7.87
CA PHE D 85 -2.91 -12.69 -7.79
C PHE D 85 -3.24 -14.14 -7.47
N PRO D 86 -2.36 -15.09 -7.83
CA PRO D 86 -2.61 -16.52 -7.59
C PRO D 86 -2.20 -17.04 -6.21
N LEU D 87 -3.14 -17.24 -5.27
CA LEU D 87 -2.67 -17.72 -3.94
C LEU D 87 -3.14 -19.16 -3.67
N TYR D 88 -2.22 -20.12 -3.64
CA TYR D 88 -2.54 -21.53 -3.33
C TYR D 88 -1.96 -21.92 -1.95
N LEU D 89 -2.82 -22.48 -1.09
CA LEU D 89 -2.42 -23.14 0.18
C LEU D 89 -3.23 -24.43 0.35
N GLN D 90 -3.21 -25.03 1.54
CA GLN D 90 -3.79 -26.37 1.81
C GLN D 90 -4.67 -26.26 3.07
N ILE D 91 -5.58 -27.21 3.32
CA ILE D 91 -6.66 -27.10 4.35
C ILE D 91 -6.95 -28.46 5.00
N ASP D 92 -6.71 -28.59 6.31
CA ASP D 92 -6.89 -29.84 7.10
C ASP D 92 -8.36 -29.97 7.47
N GLU D 93 -9.12 -30.82 6.78
CA GLU D 93 -10.58 -30.87 7.06
C GLU D 93 -10.86 -31.74 8.29
N GLU D 94 -11.02 -31.12 9.47
CA GLU D 94 -11.44 -31.87 10.68
C GLU D 94 -12.98 -32.00 10.67
N ASN D 95 -13.58 -32.81 11.53
CA ASN D 95 -15.04 -33.06 11.43
C ASN D 95 -15.89 -31.94 12.06
N SER D 96 -15.83 -30.72 11.50
CA SER D 96 -16.58 -29.56 12.05
C SER D 96 -16.66 -28.41 11.05
N GLY D 97 -17.43 -27.36 11.33
CA GLY D 97 -17.42 -26.13 10.51
C GLY D 97 -17.03 -25.00 11.46
N ASP D 98 -16.06 -25.23 12.36
CA ASP D 98 -15.66 -24.29 13.44
C ASP D 98 -14.47 -23.42 12.99
N VAL D 99 -13.34 -24.05 12.65
CA VAL D 99 -12.04 -23.37 12.34
C VAL D 99 -11.46 -23.97 11.06
N ALA D 100 -11.28 -23.15 10.03
CA ALA D 100 -10.56 -23.50 8.80
C ALA D 100 -9.06 -23.48 9.09
N VAL D 101 -8.44 -24.65 9.23
CA VAL D 101 -6.99 -24.80 9.56
C VAL D 101 -6.24 -24.96 8.23
N LEU D 102 -5.61 -23.88 7.78
CA LEU D 102 -4.88 -23.77 6.50
C LEU D 102 -3.38 -23.85 6.77
N TYR D 103 -2.60 -24.23 5.75
CA TYR D 103 -1.14 -24.53 5.83
C TYR D 103 -0.41 -23.96 4.60
N ASP D 104 0.84 -23.54 4.80
CA ASP D 104 1.80 -23.24 3.70
C ASP D 104 3.18 -23.64 4.18
N MET D 105 3.91 -24.34 3.33
CA MET D 105 5.37 -24.55 3.47
C MET D 105 6.02 -23.57 2.53
N PRO D 106 6.60 -22.44 3.03
CA PRO D 106 7.06 -21.36 2.17
C PRO D 106 8.07 -21.77 1.08
N THR D 107 7.64 -21.67 -0.17
CA THR D 107 8.43 -21.97 -1.39
C THR D 107 9.69 -21.08 -1.41
N THR D 108 9.59 -19.84 -0.95
CA THR D 108 10.71 -18.86 -0.90
C THR D 108 11.94 -19.51 -0.27
N LEU D 109 11.73 -20.40 0.70
CA LEU D 109 12.84 -21.08 1.43
C LEU D 109 13.69 -21.90 0.44
N GLY D 110 13.08 -22.33 -0.68
CA GLY D 110 13.72 -23.08 -1.77
C GLY D 110 14.89 -22.34 -2.36
N GLY D 111 14.82 -21.02 -2.42
CA GLY D 111 15.90 -20.16 -2.94
C GLY D 111 17.12 -20.20 -2.02
N ILE D 112 16.92 -20.35 -0.72
CA ILE D 112 18.05 -20.45 0.26
C ILE D 112 18.95 -21.63 -0.18
N ASP D 113 18.31 -22.76 -0.50
CA ASP D 113 18.98 -24.04 -0.85
C ASP D 113 19.79 -23.80 -2.14
N LYS D 114 19.18 -23.17 -3.15
CA LYS D 114 19.78 -22.99 -4.49
C LYS D 114 20.97 -22.05 -4.38
N ALA D 115 20.83 -21.00 -3.58
CA ALA D 115 21.85 -19.94 -3.44
C ALA D 115 23.09 -20.51 -2.74
N ILE D 116 22.91 -21.34 -1.73
CA ILE D 116 24.05 -21.90 -0.95
C ILE D 116 24.75 -22.98 -1.81
N GLU D 117 23.99 -23.75 -2.60
CA GLU D 117 24.54 -24.76 -3.56
C GLU D 117 25.48 -24.09 -4.57
N MET D 118 25.06 -23.01 -5.22
CA MET D 118 25.83 -22.38 -6.31
C MET D 118 27.20 -21.92 -5.79
N TYR D 119 27.33 -21.65 -4.49
CA TYR D 119 28.63 -21.34 -3.81
C TYR D 119 29.53 -22.59 -3.78
N MET D 120 28.94 -23.79 -3.77
CA MET D 120 29.69 -25.09 -3.72
C MET D 120 30.23 -25.40 -5.12
N LYS D 121 30.94 -26.53 -5.25
CA LYS D 121 31.57 -27.06 -6.50
C LYS D 121 30.47 -27.50 -7.49
N LYS D 122 30.57 -27.06 -8.76
CA LYS D 122 29.54 -27.27 -9.82
C LYS D 122 29.28 -28.77 -10.00
N GLY D 123 28.03 -29.19 -9.79
CA GLY D 123 27.54 -30.54 -10.10
C GLY D 123 27.94 -31.56 -9.05
N HIS D 124 27.90 -31.16 -7.77
CA HIS D 124 28.33 -31.97 -6.59
C HIS D 124 27.33 -33.11 -6.33
N ILE D 125 27.84 -34.29 -5.95
CA ILE D 125 27.02 -35.53 -5.79
C ILE D 125 25.92 -35.25 -4.75
N GLY D 126 26.25 -34.62 -3.61
CA GLY D 126 25.31 -34.50 -2.47
C GLY D 126 25.64 -33.39 -1.48
N LYS D 127 24.82 -33.27 -0.43
CA LYS D 127 24.83 -32.20 0.60
C LYS D 127 26.03 -32.40 1.55
N THR D 128 26.70 -31.28 1.90
CA THR D 128 27.84 -31.15 2.84
C THR D 128 27.34 -30.75 4.24
N SER D 129 28.09 -31.14 5.28
CA SER D 129 27.79 -30.87 6.70
C SER D 129 27.71 -29.36 6.93
N GLN D 130 28.61 -28.58 6.31
CA GLN D 130 28.64 -27.09 6.42
C GLN D 130 27.45 -26.48 5.67
N GLN D 131 27.13 -27.02 4.49
CA GLN D 131 25.92 -26.69 3.69
C GLN D 131 24.68 -26.82 4.58
N GLN D 132 24.62 -27.90 5.37
CA GLN D 132 23.45 -28.21 6.23
C GLN D 132 23.42 -27.25 7.43
N LEU D 133 24.59 -26.82 7.92
CA LEU D 133 24.73 -25.82 9.01
C LEU D 133 24.23 -24.44 8.54
N LEU D 134 24.73 -23.93 7.41
CA LEU D 134 24.33 -22.59 6.89
C LEU D 134 22.80 -22.60 6.69
N GLU D 135 22.28 -23.71 6.18
CA GLU D 135 20.84 -23.89 5.89
C GLU D 135 20.03 -23.82 7.18
N GLU D 136 20.46 -24.50 8.22
CA GLU D 136 19.63 -24.68 9.42
C GLU D 136 19.67 -23.38 10.21
N ARG D 137 20.73 -22.57 10.05
CA ARG D 137 20.82 -21.22 10.66
C ARG D 137 19.79 -20.30 9.99
N GLU D 138 19.79 -20.27 8.65
CA GLU D 138 18.87 -19.44 7.84
C GLU D 138 17.41 -19.77 8.19
N LEU D 139 17.07 -21.05 8.31
CA LEU D 139 15.69 -21.50 8.66
C LEU D 139 15.31 -20.94 10.03
N ARG D 140 16.20 -21.02 11.02
CA ARG D 140 15.95 -20.53 12.40
C ARG D 140 15.71 -19.03 12.35
N ASN D 141 16.51 -18.31 11.58
CA ASN D 141 16.48 -16.84 11.51
C ASN D 141 15.17 -16.42 10.82
N PHE D 142 14.68 -17.24 9.90
CA PHE D 142 13.45 -16.99 9.13
C PHE D 142 12.24 -17.21 10.06
N LYS D 143 12.22 -18.28 10.85
CA LYS D 143 11.24 -18.52 11.95
C LYS D 143 11.11 -17.25 12.80
N THR D 144 12.22 -16.81 13.42
CA THR D 144 12.25 -15.69 14.40
C THR D 144 11.75 -14.41 13.73
N THR D 145 12.22 -14.12 12.51
CA THR D 145 11.77 -12.94 11.73
C THR D 145 10.26 -13.07 11.48
N LEU D 146 9.79 -14.19 10.95
CA LEU D 146 8.34 -14.37 10.62
C LEU D 146 7.51 -14.16 11.89
N ILE D 147 7.91 -14.77 13.01
CA ILE D 147 7.15 -14.81 14.30
C ILE D 147 7.00 -13.38 14.84
N ASN D 148 8.05 -12.59 14.76
CA ASN D 148 7.95 -11.18 15.22
C ASN D 148 6.94 -10.46 14.34
N LEU D 149 7.11 -10.53 13.02
CA LEU D 149 6.22 -9.86 12.03
C LEU D 149 4.78 -10.24 12.34
N ILE D 150 4.50 -11.52 12.58
CA ILE D 150 3.13 -12.00 12.88
C ILE D 150 2.63 -11.39 14.19
N ASN D 151 3.34 -11.59 15.31
CA ASN D 151 2.91 -11.17 16.68
C ASN D 151 2.78 -9.64 16.79
N ASN D 152 3.37 -8.89 15.86
CA ASN D 152 3.45 -7.40 15.93
C ASN D 152 2.23 -6.73 15.29
N ASN D 153 1.28 -7.47 14.70
CA ASN D 153 0.13 -6.93 13.92
C ASN D 153 -1.17 -7.68 14.31
N SER D 154 -2.26 -6.95 14.60
CA SER D 154 -3.60 -7.48 14.99
C SER D 154 -4.15 -8.39 13.89
N PHE D 155 -3.88 -8.04 12.64
CA PHE D 155 -4.50 -8.71 11.46
C PHE D 155 -3.85 -10.09 11.26
N THR D 156 -2.67 -10.31 11.84
CA THR D 156 -1.91 -11.58 11.67
C THR D 156 -1.71 -12.31 13.00
N LYS D 157 -1.51 -11.60 14.10
CA LYS D 157 -1.01 -12.20 15.39
C LYS D 157 -1.74 -13.51 15.76
N THR D 158 -3.05 -13.46 15.96
CA THR D 158 -3.84 -14.58 16.53
C THR D 158 -4.30 -15.52 15.41
N PHE D 159 -4.13 -15.10 14.16
CA PHE D 159 -4.64 -15.78 12.95
C PHE D 159 -3.54 -16.64 12.32
N VAL D 160 -2.27 -16.35 12.62
CA VAL D 160 -1.10 -17.01 11.97
C VAL D 160 -0.17 -17.62 13.02
N LYS D 161 0.22 -18.88 12.84
CA LYS D 161 1.22 -19.57 13.68
C LYS D 161 2.33 -20.12 12.78
N VAL D 162 3.55 -20.13 13.30
CA VAL D 162 4.73 -20.76 12.66
C VAL D 162 5.07 -22.05 13.43
N ILE D 163 5.24 -23.17 12.73
CA ILE D 163 5.35 -24.52 13.35
C ILE D 163 6.38 -25.39 12.63
N GLU D 164 6.89 -26.39 13.35
CA GLU D 164 7.87 -27.39 12.87
C GLU D 164 7.11 -28.44 12.08
N GLU D 165 7.70 -28.85 10.95
CA GLU D 165 7.25 -29.99 10.09
C GLU D 165 6.80 -31.16 10.96
#